data_8P3D
#
_entry.id   8P3D
#
_cell.length_a   46.858
_cell.length_b   34.696
_cell.length_c   53.081
_cell.angle_alpha   90.00
_cell.angle_beta   93.53
_cell.angle_gamma   90.00
#
_symmetry.space_group_name_H-M   'P 1 21 1'
#
loop_
_entity.id
_entity.type
_entity.pdbx_description
1 polymer 'peptidylprolyl isomerase'
2 non-polymer (2~{S})-1-[(4-fluorophenyl)methylsulfonyl]-~{N}-[(2~{S})-4-methyl-1-oxidanylidene-1-(pyridin-3-ylmethylamino)pentan-2-yl]piperidine-2-carboxamide
3 non-polymer 'SODIUM ION'
4 water water
#
_entity_poly.entity_id   1
_entity_poly.type   'polypeptide(L)'
_entity_poly.pdbx_seq_one_letter_code
;ASHEERMNNYRKRVGRLFMEQKAAQPDAVKLPSGLVFQRIARGSGKRAPAIDDKCEVHYTGRLRDGTVFDSSRERGKPTT
FRPNEVIKGWTEALQLMREGDRWRLFIPYDLAYGVTGGGGMIPPYSPLEFDVELISIKDGGKGRTAEEVDEILRKAEEDR
ED
;
_entity_poly.pdbx_strand_id   A
#
# COMPACT_ATOMS: atom_id res chain seq x y z
N ALA A 1 -22.11 24.61 8.37
CA ALA A 1 -21.69 23.33 7.80
C ALA A 1 -22.60 22.18 8.25
N SER A 2 -23.03 21.36 7.29
CA SER A 2 -23.90 20.24 7.59
C SER A 2 -23.16 19.20 8.42
N HIS A 3 -23.91 18.25 8.97
CA HIS A 3 -23.26 17.20 9.74
C HIS A 3 -22.33 16.35 8.87
N GLU A 4 -22.79 15.98 7.67
CA GLU A 4 -21.95 15.16 6.79
C GLU A 4 -20.63 15.86 6.49
N GLU A 5 -20.68 17.17 6.21
CA GLU A 5 -19.43 17.91 5.96
C GLU A 5 -18.54 17.92 7.19
N ARG A 6 -19.11 18.10 8.38
CA ARG A 6 -18.31 18.13 9.60
C ARG A 6 -17.74 16.77 9.88
N MET A 7 -18.53 15.72 9.65
CA MET A 7 -18.01 14.37 9.91
C MET A 7 -16.85 14.04 8.96
N ASN A 8 -17.00 14.38 7.68
CA ASN A 8 -15.93 14.09 6.74
C ASN A 8 -14.73 14.98 6.98
N ASN A 9 -14.95 16.22 7.43
CA ASN A 9 -13.80 17.03 7.80
C ASN A 9 -13.02 16.36 8.93
N TYR A 10 -13.72 15.78 9.91
CA TYR A 10 -13.05 15.08 10.99
C TYR A 10 -12.28 13.89 10.44
N ARG A 11 -12.94 13.09 9.60
CA ARG A 11 -12.31 11.91 9.04
C ARG A 11 -11.04 12.31 8.31
N LYS A 12 -11.10 13.39 7.54
CA LYS A 12 -9.91 13.83 6.80
C LYS A 12 -8.79 14.29 7.73
N ARG A 13 -9.17 14.97 8.82
CA ARG A 13 -8.18 15.49 9.76
C ARG A 13 -7.41 14.34 10.43
N VAL A 14 -8.15 13.39 11.01
CA VAL A 14 -7.47 12.34 11.76
C VAL A 14 -6.75 11.38 10.80
N GLY A 15 -7.32 11.18 9.62
CA GLY A 15 -6.63 10.41 8.58
C GLY A 15 -5.34 11.04 8.15
N ARG A 16 -5.31 12.37 8.03
CA ARG A 16 -4.07 13.04 7.64
C ARG A 16 -3.00 12.98 8.74
N LEU A 17 -3.45 13.07 10.01
CA LEU A 17 -2.55 12.92 11.14
C LEU A 17 -1.95 11.53 11.16
N PHE A 18 -2.78 10.52 10.91
CA PHE A 18 -2.27 9.14 10.82
C PHE A 18 -1.21 9.04 9.73
N MET A 19 -1.51 9.53 8.53
CA MET A 19 -0.52 9.44 7.45
C MET A 19 0.76 10.16 7.79
N GLU A 20 0.67 11.34 8.40
CA GLU A 20 1.86 12.07 8.75
C GLU A 20 2.69 11.31 9.80
N GLN A 21 2.03 10.76 10.83
CA GLN A 21 2.74 10.05 11.88
C GLN A 21 3.46 8.82 11.31
N LYS A 22 2.81 8.11 10.37
CA LYS A 22 3.46 6.93 9.82
C LYS A 22 4.58 7.32 8.86
N ALA A 23 4.45 8.45 8.16
CA ALA A 23 5.50 8.84 7.24
C ALA A 23 6.72 9.31 8.00
N ALA A 24 6.56 9.67 9.28
CA ALA A 24 7.66 10.20 10.07
C ALA A 24 8.44 9.09 10.73
N GLN A 25 8.02 7.85 10.55
CA GLN A 25 8.80 6.73 11.09
C GLN A 25 10.16 6.70 10.39
N PRO A 26 11.24 6.38 11.11
CA PRO A 26 12.56 6.46 10.45
C PRO A 26 12.72 5.52 9.27
N ASP A 27 12.10 4.34 9.31
CA ASP A 27 12.22 3.39 8.20
C ASP A 27 11.12 3.57 7.16
N ALA A 28 10.31 4.61 7.25
CA ALA A 28 9.22 4.80 6.31
C ALA A 28 9.74 5.60 5.12
N VAL A 29 9.24 5.27 3.94
CA VAL A 29 9.56 5.97 2.71
C VAL A 29 8.27 6.55 2.13
N LYS A 30 8.30 7.86 1.84
CA LYS A 30 7.14 8.54 1.25
C LYS A 30 7.41 8.73 -0.23
N LEU A 31 6.49 8.31 -1.06
CA LEU A 31 6.54 8.48 -2.51
C LEU A 31 5.73 9.68 -2.97
N PRO A 32 6.02 10.24 -4.14
CA PRO A 32 5.35 11.47 -4.55
C PRO A 32 3.84 11.33 -4.62
N SER A 33 3.32 10.13 -4.91
CA SER A 33 1.87 9.94 -4.96
C SER A 33 1.23 10.16 -3.61
N GLY A 34 1.98 9.99 -2.55
CA GLY A 34 1.44 10.02 -1.21
C GLY A 34 1.51 8.66 -0.55
N LEU A 35 1.76 7.61 -1.33
CA LEU A 35 1.93 6.27 -0.75
C LEU A 35 3.15 6.28 0.15
N VAL A 36 3.00 5.69 1.35
CA VAL A 36 4.09 5.49 2.30
C VAL A 36 4.27 3.98 2.52
N PHE A 37 5.52 3.53 2.62
CA PHE A 37 5.77 2.14 2.96
C PHE A 37 6.97 2.00 3.89
N GLN A 38 6.96 0.92 4.66
CA GLN A 38 8.05 0.46 5.49
C GLN A 38 8.40 -0.94 5.02
N ARG A 39 9.69 -1.23 4.89
CA ARG A 39 10.08 -2.58 4.53
C ARG A 39 10.10 -3.46 5.76
N ILE A 40 9.30 -4.52 5.74
CA ILE A 40 9.35 -5.54 6.80
C ILE A 40 10.44 -6.58 6.51
N ALA A 41 10.55 -6.99 5.25
CA ALA A 41 11.60 -7.88 4.82
C ALA A 41 11.95 -7.57 3.38
N ARG A 42 13.21 -7.75 3.04
CA ARG A 42 13.69 -7.59 1.67
C ARG A 42 13.81 -8.97 1.01
N GLY A 43 13.10 -9.14 -0.07
CA GLY A 43 13.10 -10.38 -0.80
C GLY A 43 14.33 -10.56 -1.67
N SER A 44 14.50 -11.79 -2.14
CA SER A 44 15.61 -12.13 -3.01
C SER A 44 15.24 -12.08 -4.48
N GLY A 45 13.98 -11.78 -4.80
CA GLY A 45 13.59 -11.70 -6.19
C GLY A 45 14.30 -10.61 -6.93
N LYS A 46 14.36 -10.75 -8.27
CA LYS A 46 15.11 -9.82 -9.10
C LYS A 46 14.23 -9.06 -10.10
N ARG A 47 12.91 -9.25 -10.07
CA ARG A 47 12.02 -8.56 -10.98
C ARG A 47 10.73 -8.21 -10.26
N ALA A 48 10.22 -7.00 -10.53
CA ALA A 48 8.89 -6.59 -10.07
C ALA A 48 7.85 -6.94 -11.10
N PRO A 49 6.60 -7.12 -10.68
CA PRO A 49 5.52 -7.44 -11.63
C PRO A 49 5.22 -6.28 -12.56
N ALA A 50 4.79 -6.62 -13.77
CA ALA A 50 4.20 -5.65 -14.66
C ALA A 50 2.76 -5.38 -14.22
N ILE A 51 2.16 -4.36 -14.83
CA ILE A 51 0.84 -3.92 -14.42
C ILE A 51 -0.19 -5.01 -14.57
N ASP A 52 0.09 -6.03 -15.39
CA ASP A 52 -0.85 -7.11 -15.61
C ASP A 52 -0.30 -8.48 -15.22
N ASP A 53 0.81 -8.52 -14.50
CA ASP A 53 1.30 -9.78 -13.95
C ASP A 53 0.44 -10.22 -12.77
N LYS A 54 0.30 -11.54 -12.61
CA LYS A 54 -0.48 -12.11 -11.51
C LYS A 54 0.42 -12.32 -10.30
N CYS A 55 0.07 -11.69 -9.18
CA CYS A 55 0.90 -11.65 -7.98
C CYS A 55 0.22 -12.45 -6.89
N GLU A 56 0.92 -13.46 -6.37
CA GLU A 56 0.45 -14.22 -5.23
C GLU A 56 0.94 -13.54 -3.96
N VAL A 57 0.00 -13.17 -3.09
CA VAL A 57 0.35 -12.37 -1.93
C VAL A 57 -0.36 -12.88 -0.67
N HIS A 58 0.23 -12.57 0.48
CA HIS A 58 -0.46 -12.65 1.76
C HIS A 58 -0.62 -11.23 2.25
N TYR A 59 -1.80 -10.88 2.77
CA TYR A 59 -1.98 -9.53 3.26
C TYR A 59 -2.97 -9.47 4.42
N THR A 60 -2.82 -8.40 5.20
CA THR A 60 -3.75 -8.02 6.23
C THR A 60 -3.97 -6.54 6.05
N GLY A 61 -5.24 -6.15 5.93
CA GLY A 61 -5.65 -4.75 5.82
C GLY A 61 -6.31 -4.27 7.11
N ARG A 62 -5.87 -3.08 7.60
CA ARG A 62 -6.36 -2.50 8.85
C ARG A 62 -6.69 -1.03 8.67
N LEU A 63 -7.67 -0.58 9.42
CA LEU A 63 -7.97 0.84 9.49
C LEU A 63 -7.01 1.53 10.46
N ARG A 64 -7.09 2.86 10.49
CA ARG A 64 -6.22 3.64 11.37
C ARG A 64 -6.30 3.26 12.84
N ASP A 65 -7.43 2.69 13.27
CA ASP A 65 -7.58 2.26 14.65
C ASP A 65 -7.21 0.80 14.86
N GLY A 66 -6.64 0.18 13.84
CA GLY A 66 -6.22 -1.21 13.96
C GLY A 66 -7.22 -2.26 13.57
N THR A 67 -8.45 -1.89 13.26
CA THR A 67 -9.46 -2.87 12.93
C THR A 67 -9.12 -3.56 11.63
N VAL A 68 -9.23 -4.89 11.59
CA VAL A 68 -8.89 -5.68 10.41
C VAL A 68 -10.15 -5.78 9.56
N PHE A 69 -10.07 -5.28 8.32
CA PHE A 69 -11.21 -5.40 7.44
C PHE A 69 -11.08 -6.56 6.46
N ASP A 70 -9.87 -7.07 6.22
CA ASP A 70 -9.68 -8.23 5.36
C ASP A 70 -8.30 -8.80 5.56
N SER A 71 -8.18 -10.13 5.41
CA SER A 71 -6.89 -10.75 5.67
C SER A 71 -6.86 -12.11 4.99
N SER A 72 -5.93 -12.29 4.04
CA SER A 72 -5.73 -13.63 3.49
C SER A 72 -5.10 -14.54 4.52
N ARG A 73 -4.32 -14.00 5.45
CA ARG A 73 -3.71 -14.83 6.47
C ARG A 73 -4.77 -15.50 7.34
N GLU A 74 -5.86 -14.79 7.63
CA GLU A 74 -6.93 -15.38 8.40
C GLU A 74 -7.61 -16.50 7.62
N ARG A 75 -7.62 -16.42 6.31
CA ARG A 75 -8.19 -17.45 5.45
C ARG A 75 -7.25 -18.62 5.23
N GLY A 76 -6.01 -18.53 5.70
CA GLY A 76 -5.10 -19.66 5.63
C GLY A 76 -4.48 -19.95 4.28
N LYS A 77 -4.67 -19.08 3.30
CA LYS A 77 -4.13 -19.29 1.97
C LYS A 77 -3.94 -17.95 1.27
N PRO A 78 -2.93 -17.83 0.42
CA PRO A 78 -2.69 -16.57 -0.29
C PRO A 78 -3.78 -16.26 -1.29
N THR A 79 -3.75 -15.01 -1.77
CA THR A 79 -4.65 -14.52 -2.81
C THR A 79 -3.82 -14.00 -3.96
N THR A 80 -4.35 -14.09 -5.17
CA THR A 80 -3.66 -13.67 -6.38
C THR A 80 -4.39 -12.50 -7.03
N PHE A 81 -3.66 -11.42 -7.27
CA PHE A 81 -4.18 -10.23 -7.89
C PHE A 81 -3.26 -9.81 -9.03
N ARG A 82 -3.82 -9.08 -10.00
CA ARG A 82 -2.97 -8.27 -10.86
C ARG A 82 -2.91 -6.83 -10.33
N PRO A 83 -1.81 -6.11 -10.51
CA PRO A 83 -1.80 -4.69 -10.12
C PRO A 83 -2.95 -3.87 -10.71
N ASN A 84 -3.39 -4.20 -11.94
CA ASN A 84 -4.45 -3.40 -12.54
C ASN A 84 -5.83 -3.76 -12.05
N GLU A 85 -5.94 -4.65 -11.05
CA GLU A 85 -7.23 -5.02 -10.51
C GLU A 85 -7.46 -4.44 -9.12
N VAL A 86 -6.48 -3.77 -8.54
CA VAL A 86 -6.49 -3.40 -7.13
C VAL A 86 -6.43 -1.88 -7.00
N ILE A 87 -6.67 -1.40 -5.76
CA ILE A 87 -6.64 0.04 -5.51
C ILE A 87 -5.29 0.64 -5.85
N LYS A 88 -5.28 1.96 -6.09
CA LYS A 88 -4.10 2.61 -6.68
C LYS A 88 -2.85 2.46 -5.82
N GLY A 89 -3.01 2.52 -4.50
CA GLY A 89 -1.85 2.33 -3.64
C GLY A 89 -1.21 0.97 -3.81
N TRP A 90 -2.03 -0.05 -4.04
CA TRP A 90 -1.51 -1.38 -4.29
C TRP A 90 -0.92 -1.49 -5.69
N THR A 91 -1.62 -0.97 -6.71
CA THR A 91 -1.05 -0.96 -8.07
C THR A 91 0.38 -0.40 -8.05
N GLU A 92 0.60 0.71 -7.36
CA GLU A 92 1.92 1.33 -7.33
C GLU A 92 2.93 0.50 -6.53
N ALA A 93 2.53 0.06 -5.33
CA ALA A 93 3.44 -0.69 -4.49
C ALA A 93 3.86 -2.01 -5.14
N LEU A 94 2.92 -2.70 -5.76
CA LEU A 94 3.26 -4.03 -6.25
C LEU A 94 4.31 -3.93 -7.33
N GLN A 95 4.22 -2.89 -8.15
CA GLN A 95 5.19 -2.66 -9.19
C GLN A 95 6.53 -2.17 -8.69
N LEU A 96 6.68 -1.99 -7.39
CA LEU A 96 7.93 -1.65 -6.77
C LEU A 96 8.42 -2.75 -5.84
N MET A 97 7.77 -3.91 -5.84
CA MET A 97 8.14 -5.02 -4.97
C MET A 97 8.65 -6.18 -5.81
N ARG A 98 9.56 -6.94 -5.23
CA ARG A 98 10.06 -8.19 -5.80
C ARG A 98 9.64 -9.38 -4.94
N GLU A 99 9.81 -10.58 -5.49
CA GLU A 99 9.43 -11.77 -4.76
C GLU A 99 10.22 -11.88 -3.45
N GLY A 100 9.48 -12.12 -2.36
CA GLY A 100 10.05 -12.17 -1.04
C GLY A 100 9.95 -10.86 -0.29
N ASP A 101 9.67 -9.76 -0.98
CA ASP A 101 9.51 -8.48 -0.30
C ASP A 101 8.25 -8.53 0.57
N ARG A 102 8.36 -7.97 1.77
CA ARG A 102 7.19 -7.84 2.65
C ARG A 102 7.17 -6.42 3.17
N TRP A 103 6.07 -5.69 2.85
CA TRP A 103 6.00 -4.25 3.08
C TRP A 103 4.80 -3.91 3.96
N ARG A 104 4.95 -2.88 4.77
CA ARG A 104 3.80 -2.27 5.42
C ARG A 104 3.43 -1.04 4.61
N LEU A 105 2.23 -1.03 4.07
CA LEU A 105 1.77 0.06 3.21
C LEU A 105 0.83 0.97 3.97
N PHE A 106 1.01 2.28 3.83
CA PHE A 106 0.12 3.28 4.42
C PHE A 106 -0.41 4.08 3.27
N ILE A 107 -1.69 3.88 2.96
CA ILE A 107 -2.32 4.33 1.72
C ILE A 107 -3.29 5.45 2.05
N PRO A 108 -3.09 6.64 1.52
CA PRO A 108 -4.07 7.70 1.75
C PRO A 108 -5.35 7.43 0.99
N TYR A 109 -6.41 8.10 1.46
CA TYR A 109 -7.75 7.76 0.98
C TYR A 109 -7.88 7.92 -0.51
N ASP A 110 -7.15 8.87 -1.09
CA ASP A 110 -7.27 9.12 -2.51
C ASP A 110 -6.62 8.04 -3.36
N LEU A 111 -5.75 7.23 -2.78
CA LEU A 111 -5.19 6.06 -3.44
C LEU A 111 -5.83 4.76 -2.94
N ALA A 112 -6.98 4.85 -2.24
CA ALA A 112 -7.62 3.68 -1.68
C ALA A 112 -9.07 3.73 -2.12
N TYR A 113 -10.03 3.77 -1.22
CA TYR A 113 -11.45 3.76 -1.57
C TYR A 113 -12.08 5.16 -1.54
N GLY A 114 -11.27 6.19 -1.27
CA GLY A 114 -11.69 7.56 -1.61
C GLY A 114 -12.86 8.06 -0.79
N VAL A 115 -13.66 8.92 -1.42
CA VAL A 115 -14.75 9.59 -0.74
C VAL A 115 -15.92 8.65 -0.43
N THR A 116 -16.14 7.61 -1.22
CA THR A 116 -17.24 6.71 -0.90
C THR A 116 -16.91 5.72 0.20
N GLY A 117 -15.67 5.30 0.29
CA GLY A 117 -15.36 4.15 1.11
C GLY A 117 -15.62 2.83 0.37
N GLY A 118 -15.53 1.71 1.09
CA GLY A 118 -15.81 0.43 0.46
C GLY A 118 -16.09 -0.67 1.45
N GLY A 119 -16.81 -1.68 1.01
CA GLY A 119 -17.02 -2.90 1.77
C GLY A 119 -17.86 -2.75 2.99
N GLY A 120 -18.43 -1.58 3.22
CA GLY A 120 -19.23 -1.37 4.41
C GLY A 120 -18.36 -1.06 5.63
N MET A 121 -17.13 -1.59 5.65
CA MET A 121 -16.26 -1.41 6.80
C MET A 121 -15.30 -0.24 6.64
N ILE A 122 -15.00 0.21 5.42
CA ILE A 122 -14.06 1.31 5.23
C ILE A 122 -14.87 2.59 4.99
N PRO A 123 -14.93 3.53 5.94
CA PRO A 123 -15.74 4.73 5.72
C PRO A 123 -15.07 5.68 4.74
N PRO A 124 -15.81 6.70 4.30
CA PRO A 124 -15.22 7.75 3.48
C PRO A 124 -13.94 8.30 4.08
N TYR A 125 -13.01 8.67 3.20
CA TYR A 125 -11.82 9.39 3.56
C TYR A 125 -10.94 8.62 4.52
N SER A 126 -10.83 7.30 4.33
CA SER A 126 -10.03 6.44 5.21
C SER A 126 -8.65 6.19 4.64
N PRO A 127 -7.56 6.48 5.34
CA PRO A 127 -6.28 5.87 4.98
C PRO A 127 -6.30 4.41 5.41
N LEU A 128 -5.50 3.59 4.70
CA LEU A 128 -5.45 2.16 4.99
C LEU A 128 -4.03 1.70 5.28
N GLU A 129 -3.94 0.69 6.13
CA GLU A 129 -2.66 0.08 6.47
C GLU A 129 -2.68 -1.37 6.03
N PHE A 130 -1.71 -1.76 5.21
CA PHE A 130 -1.62 -3.16 4.82
C PHE A 130 -0.24 -3.71 5.16
N ASP A 131 -0.19 -4.95 5.62
CA ASP A 131 1.04 -5.73 5.68
C ASP A 131 0.96 -6.71 4.53
N VAL A 132 1.81 -6.54 3.51
CA VAL A 132 1.67 -7.32 2.29
C VAL A 132 2.99 -8.03 1.99
N GLU A 133 2.91 -9.32 1.69
CA GLU A 133 4.07 -10.11 1.30
C GLU A 133 3.86 -10.59 -0.13
N LEU A 134 4.83 -10.29 -1.02
CA LEU A 134 4.77 -10.72 -2.42
C LEU A 134 5.43 -12.08 -2.46
N ILE A 135 4.62 -13.14 -2.59
CA ILE A 135 5.16 -14.51 -2.51
C ILE A 135 5.75 -14.93 -3.84
N SER A 136 4.99 -14.75 -4.91
CA SER A 136 5.46 -15.14 -6.23
C SER A 136 4.79 -14.30 -7.29
N ILE A 137 5.42 -14.20 -8.45
CA ILE A 137 4.88 -13.54 -9.61
C ILE A 137 4.80 -14.58 -10.72
N LYS A 138 3.62 -14.75 -11.29
CA LYS A 138 3.41 -15.79 -12.29
C LYS A 138 4.40 -15.64 -13.42
N ASP A 139 5.20 -16.69 -13.64
CA ASP A 139 6.18 -16.73 -14.72
C ASP A 139 7.28 -15.69 -14.53
N GLY A 140 7.54 -15.27 -13.29
CA GLY A 140 8.73 -14.52 -12.94
C GLY A 140 8.53 -13.02 -12.79
N GLY A 141 7.63 -12.43 -13.57
CA GLY A 141 7.44 -10.99 -13.52
C GLY A 141 8.09 -10.25 -14.66
N LYS A 142 7.33 -9.38 -15.33
CA LYS A 142 7.77 -8.68 -16.53
C LYS A 142 7.90 -7.17 -16.32
N GLY A 143 8.07 -6.74 -15.08
CA GLY A 143 8.14 -5.34 -14.77
C GLY A 143 9.56 -4.87 -14.55
N ARG A 144 9.71 -3.90 -13.66
CA ARG A 144 11.02 -3.32 -13.39
C ARG A 144 12.00 -4.37 -12.88
N THR A 145 13.29 -4.10 -13.06
CA THR A 145 14.33 -4.91 -12.44
C THR A 145 14.52 -4.48 -10.98
N ALA A 146 15.14 -5.36 -10.20
CA ALA A 146 15.49 -5.01 -8.83
C ALA A 146 16.35 -3.76 -8.77
N GLU A 147 17.26 -3.59 -9.74
CA GLU A 147 18.10 -2.39 -9.74
C GLU A 147 17.31 -1.14 -10.11
N GLU A 148 16.37 -1.27 -11.05
CA GLU A 148 15.52 -0.13 -11.39
C GLU A 148 14.69 0.29 -10.17
N VAL A 149 14.12 -0.69 -9.49
CA VAL A 149 13.29 -0.38 -8.32
C VAL A 149 14.14 0.33 -7.27
N ASP A 150 15.30 -0.21 -6.96
CA ASP A 150 16.10 0.35 -5.88
C ASP A 150 16.54 1.78 -6.17
N GLU A 151 16.74 2.12 -7.44
CA GLU A 151 17.08 3.50 -7.78
C GLU A 151 15.91 4.42 -7.53
N ILE A 152 14.72 4.02 -7.98
CA ILE A 152 13.51 4.79 -7.70
C ILE A 152 13.39 5.03 -6.21
N LEU A 153 13.52 3.96 -5.42
CA LEU A 153 13.33 4.08 -3.98
C LEU A 153 14.45 4.89 -3.33
N ARG A 154 15.68 4.73 -3.81
CA ARG A 154 16.78 5.57 -3.32
C ARG A 154 16.51 7.03 -3.61
N LYS A 155 16.17 7.34 -4.86
CA LYS A 155 15.94 8.71 -5.25
C LYS A 155 14.70 9.27 -4.55
N ALA A 156 13.69 8.45 -4.35
CA ALA A 156 12.50 8.91 -3.63
C ALA A 156 12.86 9.37 -2.22
N GLU A 157 13.70 8.61 -1.52
CA GLU A 157 14.12 9.02 -0.18
C GLU A 157 14.90 10.31 -0.21
N GLU A 158 15.70 10.52 -1.26
CA GLU A 158 16.50 11.74 -1.36
C GLU A 158 15.62 12.97 -1.42
N ASP A 159 14.56 12.93 -2.23
CA ASP A 159 13.72 14.11 -2.45
C ASP A 159 12.52 14.18 -1.52
N ARG A 160 12.60 13.55 -0.36
CA ARG A 160 11.47 13.55 0.58
C ARG A 160 10.95 14.98 0.81
N GLU A 161 11.84 15.89 1.16
CA GLU A 161 11.40 17.24 1.49
C GLU A 161 10.90 18.00 0.27
N ASP A 162 11.15 17.51 -0.93
CA ASP A 162 10.75 18.20 -2.15
C ASP A 162 9.41 17.67 -2.67
#